data_1GHW
#
_entry.id   1GHW
#
_cell.length_a   71.890
_cell.length_b   72.220
_cell.length_c   72.740
_cell.angle_alpha   90.00
_cell.angle_beta   100.97
_cell.angle_gamma   90.00
#
_symmetry.space_group_name_H-M   'C 1 2 1'
#
loop_
_entity.id
_entity.type
_entity.pdbx_description
1 polymer THROMBIN
2 polymer THROMBIN
3 polymer 'ACETYL HIRUDIN'
4 non-polymer 'SODIUM ION'
5 non-polymer 2-(2-HYDROXY-PHENYL)-1H-BENZOIMIDAZOLE-5-CARBOXAMIDINE
6 water water
#
loop_
_entity_poly.entity_id
_entity_poly.type
_entity_poly.pdbx_seq_one_letter_code
_entity_poly.pdbx_strand_id
1 'polypeptide(L)' TFGSGEADCGLRPLFEKKSLEDKTERELLESYIDGR L
2 'polypeptide(L)'
;IVEGSDAEIGMSPWQVMLFRKSPQELLCGASLISDRWVLTAAHCLLYPPWDKNFTENDLLVRIGKHSRTRYERNIEKISM
LEKIYIHPRYNWRENLDRDIALMKLKKPVAFSDYIHPVCLPDRETAASLLQAGYKGRVTGWGNLKETWTANVGKGQPSVL
QVVNLPIVERPVCKDSTRIRITDNMFCAGYKPDEGKRGDACEGDSGGPFVMKSPFNNRWYQMGIVSWGEGCDRDGKYGFY
THVFRLKKWIQKVIDQF
;
H
3 'polypeptide(L)' DFEEIPEE(TYS)LQ I
#
loop_
_chem_comp.id
_chem_comp.type
_chem_comp.name
_chem_comp.formula
BMZ non-polymer 2-(2-HYDROXY-PHENYL)-1H-BENZOIMIDAZOLE-5-CARBOXAMIDINE 'C14 H13 N4 O 1'
NA non-polymer 'SODIUM ION' 'Na 1'
#
# COMPACT_ATOMS: atom_id res chain seq x y z
N THR A 1 2.26 -16.82 -5.36
CA THR A 1 3.29 -17.34 -4.42
C THR A 1 4.50 -17.20 -5.30
N PHE A 2 4.44 -17.90 -6.40
CA PHE A 2 5.58 -17.82 -7.35
C PHE A 2 5.35 -16.38 -7.85
N GLY A 3 6.25 -15.86 -8.62
CA GLY A 3 6.07 -14.46 -9.13
C GLY A 3 4.68 -14.24 -9.74
N SER A 4 4.38 -12.99 -9.96
CA SER A 4 3.08 -12.56 -10.55
C SER A 4 1.98 -12.58 -9.46
N GLY A 5 1.85 -13.61 -8.65
CA GLY A 5 0.75 -13.54 -7.63
C GLY A 5 -0.07 -14.76 -7.24
N GLU A 6 -1.35 -14.63 -7.51
CA GLU A 6 -2.38 -15.69 -7.23
C GLU A 6 -3.03 -16.33 -8.45
N ALA A 7 -3.28 -15.55 -9.47
CA ALA A 7 -3.92 -16.02 -10.76
C ALA A 7 -5.15 -15.18 -10.96
N ASP A 8 -5.96 -15.07 -9.94
CA ASP A 8 -7.20 -14.23 -10.13
C ASP A 8 -6.99 -12.83 -9.52
N CYS A 9 -5.77 -12.59 -9.12
CA CYS A 9 -5.39 -11.29 -8.49
C CYS A 9 -5.85 -10.06 -9.32
N GLY A 10 -5.92 -8.95 -8.63
CA GLY A 10 -6.32 -7.68 -9.27
C GLY A 10 -7.69 -7.55 -9.82
N LEU A 11 -8.57 -8.51 -9.70
CA LEU A 11 -9.97 -8.39 -10.25
C LEU A 11 -10.85 -8.32 -9.01
N ARG A 12 -11.54 -7.23 -8.81
CA ARG A 12 -12.41 -7.06 -7.61
C ARG A 12 -13.85 -7.64 -7.74
N PRO A 13 -14.23 -8.52 -6.85
CA PRO A 13 -15.59 -9.08 -6.77
C PRO A 13 -16.73 -8.12 -7.08
N LEU A 14 -16.68 -7.00 -6.42
CA LEU A 14 -17.73 -5.93 -6.60
C LEU A 14 -17.54 -4.97 -7.76
N PHE A 15 -16.49 -5.09 -8.52
CA PHE A 15 -16.32 -4.13 -9.64
C PHE A 15 -16.02 -4.93 -10.91
N GLU A 16 -14.77 -5.16 -11.21
CA GLU A 16 -14.43 -5.94 -12.44
C GLU A 16 -15.27 -7.19 -12.68
N LYS A 17 -15.35 -8.03 -11.71
CA LYS A 17 -16.15 -9.30 -11.83
C LYS A 17 -17.64 -9.06 -12.19
N LYS A 18 -18.15 -7.90 -11.88
CA LYS A 18 -19.58 -7.58 -12.19
C LYS A 18 -19.62 -6.55 -13.29
N SER A 19 -18.46 -6.25 -13.78
CA SER A 19 -18.25 -5.26 -14.87
C SER A 19 -18.74 -3.87 -14.36
N LEU A 20 -18.52 -3.57 -13.09
CA LEU A 20 -18.97 -2.25 -12.55
C LEU A 20 -17.66 -1.44 -12.32
N GLU A 21 -17.72 -0.14 -12.45
CA GLU A 21 -16.50 0.70 -12.26
C GLU A 21 -16.66 1.52 -11.00
N ASP A 22 -15.56 1.87 -10.40
CA ASP A 22 -15.61 2.70 -9.16
C ASP A 22 -15.62 4.14 -9.74
N LYS A 23 -15.93 5.12 -8.95
CA LYS A 23 -15.97 6.50 -9.50
C LYS A 23 -14.71 7.18 -9.97
N THR A 24 -13.54 6.75 -9.63
CA THR A 24 -12.37 7.49 -10.18
C THR A 24 -11.42 6.60 -10.96
N GLU A 25 -11.77 5.37 -11.26
CA GLU A 25 -10.74 4.58 -12.02
C GLU A 25 -10.56 5.14 -13.41
N ARG A 26 -11.60 5.74 -13.91
CA ARG A 26 -11.57 6.36 -15.26
C ARG A 26 -10.42 7.41 -15.31
N GLU A 27 -10.21 8.08 -14.20
CA GLU A 27 -9.16 9.11 -14.10
C GLU A 27 -7.79 8.48 -14.33
N LEU A 28 -7.63 7.27 -13.91
CA LEU A 28 -6.32 6.58 -14.10
C LEU A 28 -6.13 6.18 -15.56
N LEU A 29 -7.08 5.47 -16.09
CA LEU A 29 -6.99 5.03 -17.52
C LEU A 29 -6.83 6.20 -18.43
N GLU A 30 -7.44 7.28 -18.06
CA GLU A 30 -7.32 8.49 -18.91
C GLU A 30 -5.91 9.02 -18.84
N SER A 31 -5.19 8.77 -17.78
CA SER A 31 -3.80 9.30 -17.73
C SER A 31 -2.79 8.39 -18.42
N TYR A 32 -3.21 7.24 -18.88
CA TYR A 32 -2.23 6.32 -19.57
C TYR A 32 -2.64 6.62 -21.00
N ILE A 33 -2.47 7.87 -21.36
CA ILE A 33 -2.82 8.42 -22.71
C ILE A 33 -4.11 7.79 -23.33
N ASP A 34 -4.99 7.55 -22.39
CA ASP A 34 -6.35 6.97 -22.59
C ASP A 34 -6.28 5.48 -22.95
N GLY A 35 -6.99 4.67 -22.20
CA GLY A 35 -6.97 3.19 -22.47
C GLY A 35 -8.31 2.55 -22.88
N ARG A 36 -8.46 2.36 -24.16
CA ARG A 36 -9.63 1.76 -24.89
C ARG A 36 -9.65 2.53 -26.23
N ILE B 1 -4.22 10.28 4.34
CA ILE B 1 -4.32 10.70 2.93
C ILE B 1 -4.86 12.13 3.11
N VAL B 2 -4.26 13.03 2.40
CA VAL B 2 -4.64 14.46 2.43
C VAL B 2 -5.26 14.70 1.08
N GLU B 3 -6.42 15.32 1.08
CA GLU B 3 -7.20 15.67 -0.15
C GLU B 3 -7.63 14.43 -0.95
N GLY B 4 -8.06 13.43 -0.23
CA GLY B 4 -8.52 12.14 -0.81
C GLY B 4 -10.03 12.09 -0.52
N SER B 5 -10.70 11.04 -0.87
CA SER B 5 -12.16 10.96 -0.59
C SER B 5 -12.35 9.63 0.06
N ASP B 6 -13.55 9.40 0.51
CA ASP B 6 -13.81 8.09 1.17
C ASP B 6 -13.78 7.05 0.06
N ALA B 7 -13.28 5.90 0.36
CA ALA B 7 -13.23 4.84 -0.67
C ALA B 7 -14.64 4.22 -0.70
N GLU B 8 -14.89 3.42 -1.69
CA GLU B 8 -16.22 2.75 -1.82
C GLU B 8 -16.06 1.38 -1.15
N ILE B 9 -17.15 0.73 -0.91
CA ILE B 9 -17.05 -0.60 -0.27
C ILE B 9 -16.46 -1.56 -1.34
N GLY B 10 -15.48 -2.32 -0.94
CA GLY B 10 -14.81 -3.29 -1.84
C GLY B 10 -13.92 -2.67 -2.94
N MET B 11 -13.59 -1.41 -2.83
CA MET B 11 -12.73 -0.69 -3.84
C MET B 11 -11.25 -1.18 -3.85
N SER B 12 -10.73 -1.46 -2.69
CA SER B 12 -9.31 -1.94 -2.54
C SER B 12 -9.34 -3.19 -1.64
N PRO B 13 -9.87 -4.28 -2.12
CA PRO B 13 -10.05 -5.50 -1.29
C PRO B 13 -8.72 -6.10 -0.79
N TRP B 14 -7.63 -5.56 -1.25
CA TRP B 14 -6.28 -6.03 -0.84
C TRP B 14 -5.72 -5.09 0.26
N GLN B 15 -6.42 -4.03 0.63
CA GLN B 15 -5.87 -3.15 1.67
C GLN B 15 -5.89 -3.92 3.00
N VAL B 16 -4.79 -3.83 3.69
CA VAL B 16 -4.61 -4.48 5.00
C VAL B 16 -4.27 -3.35 6.01
N MET B 17 -4.48 -3.67 7.26
CA MET B 17 -4.23 -2.74 8.41
C MET B 17 -3.29 -3.48 9.34
N LEU B 18 -2.18 -2.88 9.68
CA LEU B 18 -1.23 -3.55 10.63
C LEU B 18 -1.74 -2.88 11.88
N PHE B 19 -2.15 -3.70 12.78
CA PHE B 19 -2.71 -3.23 14.06
C PHE B 19 -1.76 -3.69 15.14
N ARG B 20 -1.65 -2.91 16.18
CA ARG B 20 -0.74 -3.25 17.32
C ARG B 20 -1.67 -3.79 18.40
N LYS B 21 -1.21 -4.77 19.13
CA LYS B 21 -2.08 -5.33 20.21
C LYS B 21 -2.13 -4.41 21.46
N SER B 22 -1.03 -3.96 22.02
CA SER B 22 -1.14 -3.08 23.22
C SER B 22 -0.01 -2.03 23.10
N PRO B 23 -0.34 -0.74 23.07
CA PRO B 23 -1.73 -0.22 22.97
C PRO B 23 -2.37 -0.71 21.65
N GLN B 24 -3.67 -0.80 21.60
CA GLN B 24 -4.27 -1.27 20.34
C GLN B 24 -4.23 -0.06 19.45
N GLU B 25 -3.53 -0.14 18.35
CA GLU B 25 -3.47 1.05 17.45
C GLU B 25 -3.09 0.74 15.99
N LEU B 26 -3.45 1.67 15.16
CA LEU B 26 -3.17 1.57 13.71
C LEU B 26 -1.71 1.92 13.63
N LEU B 27 -1.01 1.01 13.06
CA LEU B 27 0.44 1.14 12.90
C LEU B 27 0.78 1.57 11.47
N CYS B 28 0.31 0.82 10.52
CA CYS B 28 0.58 1.13 9.07
C CYS B 28 -0.45 0.42 8.23
N GLY B 29 -0.25 0.54 6.96
CA GLY B 29 -1.12 -0.08 5.94
C GLY B 29 -0.24 -1.25 5.40
N ALA B 30 -0.79 -2.10 4.59
CA ALA B 30 -0.05 -3.24 4.03
C ALA B 30 -0.94 -3.72 2.88
N SER B 31 -0.54 -4.70 2.11
CA SER B 31 -1.39 -5.20 1.00
C SER B 31 -1.39 -6.76 1.03
N LEU B 32 -2.46 -7.32 0.54
CA LEU B 32 -2.65 -8.78 0.48
C LEU B 32 -2.16 -9.14 -0.96
N ILE B 33 -1.13 -9.94 -1.03
CA ILE B 33 -0.60 -10.35 -2.37
C ILE B 33 -0.91 -11.86 -2.60
N SER B 34 -1.27 -12.64 -1.61
CA SER B 34 -1.59 -14.07 -1.84
C SER B 34 -2.54 -14.42 -0.69
N ASP B 35 -2.95 -15.63 -0.50
CA ASP B 35 -3.87 -15.86 0.67
C ASP B 35 -3.07 -15.97 1.98
N ARG B 36 -1.75 -16.03 1.90
CA ARG B 36 -0.88 -16.14 3.13
C ARG B 36 0.21 -15.04 3.21
N TRP B 37 0.36 -14.22 2.21
CA TRP B 37 1.43 -13.16 2.28
C TRP B 37 0.97 -11.70 2.22
N VAL B 38 1.55 -10.94 3.10
CA VAL B 38 1.23 -9.48 3.17
C VAL B 38 2.55 -8.74 2.94
N LEU B 39 2.46 -7.69 2.21
CA LEU B 39 3.63 -6.83 1.85
C LEU B 39 3.46 -5.47 2.57
N THR B 40 4.52 -4.96 3.12
CA THR B 40 4.42 -3.65 3.81
C THR B 40 5.81 -3.01 3.67
N ALA B 41 5.97 -1.94 4.38
CA ALA B 41 7.24 -1.19 4.36
C ALA B 41 8.00 -1.64 5.62
N ALA B 42 9.27 -1.90 5.45
CA ALA B 42 10.12 -2.34 6.61
C ALA B 42 10.20 -1.33 7.75
N HIS B 43 10.12 -0.07 7.43
CA HIS B 43 10.21 0.94 8.52
C HIS B 43 8.99 0.91 9.41
N CYS B 44 8.00 0.18 8.98
CA CYS B 44 6.77 0.09 9.81
C CYS B 44 7.05 -0.86 10.96
N LEU B 45 8.06 -1.68 10.77
CA LEU B 45 8.44 -2.69 11.79
C LEU B 45 9.78 -2.48 12.47
N LEU B 46 10.73 -2.03 11.71
CA LEU B 46 12.09 -1.79 12.24
C LEU B 46 12.61 -0.40 11.92
N TYR B 47 12.85 0.37 12.93
CA TYR B 47 13.36 1.73 12.71
C TYR B 47 14.10 2.11 14.01
N PRO B 48 15.31 1.64 14.12
CA PRO B 48 16.18 1.87 15.32
C PRO B 48 16.27 3.31 15.88
N PRO B 49 16.36 4.34 15.07
CA PRO B 49 16.35 5.75 15.57
C PRO B 49 15.25 6.04 16.59
N TRP B 50 14.13 5.38 16.43
CA TRP B 50 12.97 5.57 17.37
C TRP B 50 12.73 4.29 18.13
N ASP B 51 13.72 3.46 18.16
CA ASP B 51 13.60 2.17 18.86
C ASP B 51 12.37 1.32 18.41
N LYS B 52 12.09 1.24 17.12
CA LYS B 52 10.91 0.40 16.69
C LYS B 52 11.54 -0.91 16.25
N ASN B 53 11.01 -1.98 16.69
CA ASN B 53 11.53 -3.31 16.31
C ASN B 53 10.40 -4.21 16.76
N PHE B 54 9.43 -4.40 15.92
CA PHE B 54 8.27 -5.28 16.30
C PHE B 54 8.53 -6.72 15.85
N THR B 55 7.85 -7.62 16.51
CA THR B 55 7.92 -9.07 16.26
C THR B 55 6.49 -9.51 15.95
N GLU B 56 6.41 -10.71 15.42
CA GLU B 56 5.12 -11.35 15.03
C GLU B 56 4.02 -11.03 16.07
N ASN B 57 4.36 -11.44 17.25
CA ASN B 57 3.53 -11.32 18.49
C ASN B 57 3.05 -9.95 18.85
N ASP B 58 3.59 -8.94 18.24
CA ASP B 58 3.09 -7.59 18.63
C ASP B 58 2.13 -7.09 17.60
N LEU B 59 2.09 -7.76 16.48
CA LEU B 59 1.19 -7.33 15.37
C LEU B 59 0.03 -8.25 15.05
N LEU B 60 -0.91 -7.64 14.42
CA LEU B 60 -2.16 -8.30 13.99
C LEU B 60 -2.41 -7.65 12.64
N VAL B 61 -2.98 -8.41 11.75
CA VAL B 61 -3.29 -7.92 10.40
C VAL B 61 -4.83 -7.97 10.30
N ARG B 62 -5.45 -6.88 9.97
CA ARG B 62 -6.94 -6.86 9.86
C ARG B 62 -7.22 -6.63 8.36
N ILE B 63 -7.84 -7.61 7.75
CA ILE B 63 -8.17 -7.57 6.30
C ILE B 63 -9.69 -7.44 6.04
N GLY B 64 -10.03 -6.74 5.00
CA GLY B 64 -11.47 -6.52 4.63
C GLY B 64 -12.07 -5.33 5.29
N LYS B 65 -11.29 -4.37 5.74
CA LYS B 65 -11.90 -3.20 6.43
C LYS B 65 -12.21 -2.05 5.55
N HIS B 66 -13.01 -1.21 6.15
CA HIS B 66 -13.50 0.04 5.53
C HIS B 66 -13.40 1.10 6.63
N SER B 67 -14.12 0.84 7.69
CA SER B 67 -14.18 1.73 8.88
C SER B 67 -12.79 1.56 9.51
N ARG B 68 -12.27 2.61 10.06
CA ARG B 68 -10.92 2.56 10.69
C ARG B 68 -10.94 2.02 12.12
N THR B 69 -11.81 2.53 12.92
CA THR B 69 -11.87 2.07 14.34
C THR B 69 -12.84 0.96 14.73
N ARG B 70 -13.77 0.63 13.88
CA ARG B 70 -14.71 -0.43 14.30
C ARG B 70 -14.37 -1.83 13.85
N TYR B 71 -14.77 -2.76 14.68
CA TYR B 71 -14.53 -4.19 14.41
C TYR B 71 -15.77 -4.48 13.54
N GLU B 72 -15.53 -4.63 12.27
CA GLU B 72 -16.61 -4.91 11.27
C GLU B 72 -16.84 -6.42 11.28
N ARG B 73 -17.63 -6.75 12.26
CA ARG B 73 -18.08 -8.13 12.59
C ARG B 73 -18.66 -8.78 11.33
N ASN B 74 -18.22 -9.99 11.06
CA ASN B 74 -18.69 -10.79 9.87
C ASN B 74 -18.15 -10.26 8.54
N ILE B 75 -17.42 -9.19 8.55
CA ILE B 75 -16.87 -8.64 7.28
C ILE B 75 -15.34 -8.72 7.24
N GLU B 76 -14.69 -8.27 8.28
CA GLU B 76 -13.19 -8.32 8.27
C GLU B 76 -12.65 -9.55 8.92
N LYS B 77 -11.43 -9.88 8.64
CA LYS B 77 -10.76 -11.08 9.22
C LYS B 77 -9.46 -10.52 9.86
N ILE B 78 -9.08 -11.15 10.92
CA ILE B 78 -7.87 -10.75 11.69
C ILE B 78 -6.96 -11.96 11.65
N SER B 79 -5.74 -11.80 11.25
CA SER B 79 -4.78 -12.95 11.20
C SER B 79 -3.57 -12.61 12.03
N MET B 80 -2.85 -13.64 12.36
CA MET B 80 -1.63 -13.46 13.18
C MET B 80 -0.52 -13.74 12.22
N LEU B 81 0.66 -13.40 12.64
CA LEU B 81 1.82 -13.62 11.77
C LEU B 81 2.56 -14.83 12.21
N GLU B 82 3.19 -15.41 11.24
CA GLU B 82 4.00 -16.62 11.43
C GLU B 82 5.45 -16.08 11.30
N LYS B 83 5.72 -15.31 10.28
CA LYS B 83 7.11 -14.76 10.12
C LYS B 83 7.09 -13.37 9.45
N ILE B 84 8.17 -12.64 9.64
CA ILE B 84 8.37 -11.26 9.09
C ILE B 84 9.74 -11.34 8.45
N TYR B 85 9.88 -10.85 7.25
CA TYR B 85 11.20 -10.90 6.56
C TYR B 85 11.41 -9.48 6.14
N ILE B 86 12.51 -8.90 6.50
CA ILE B 86 12.82 -7.50 6.13
C ILE B 86 13.85 -7.64 5.00
N HIS B 87 13.91 -6.69 4.11
CA HIS B 87 14.92 -6.85 3.03
C HIS B 87 16.30 -6.80 3.73
N PRO B 88 17.16 -7.75 3.48
CA PRO B 88 18.53 -7.76 4.04
C PRO B 88 19.33 -6.45 3.92
N ARG B 89 19.01 -5.65 2.94
CA ARG B 89 19.75 -4.38 2.79
C ARG B 89 18.89 -3.17 2.99
N TYR B 90 17.87 -3.33 3.78
CA TYR B 90 16.97 -2.16 4.06
C TYR B 90 17.95 -1.13 4.70
N ASN B 91 17.95 0.08 4.21
CA ASN B 91 18.85 1.16 4.73
C ASN B 91 18.11 2.17 5.60
N TRP B 92 17.99 1.84 6.86
CA TRP B 92 17.28 2.77 7.80
C TRP B 92 18.19 3.91 8.22
N ARG B 93 19.45 3.64 8.22
CA ARG B 93 20.41 4.70 8.61
C ARG B 93 20.41 5.91 7.70
N GLU B 94 20.36 5.75 6.41
CA GLU B 94 20.39 6.98 5.56
C GLU B 94 19.12 7.47 4.85
N ASN B 95 18.59 6.71 3.92
CA ASN B 95 17.35 7.14 3.16
C ASN B 95 16.15 6.16 3.04
N LEU B 96 16.11 5.13 3.85
CA LEU B 96 14.99 4.10 3.81
C LEU B 96 14.97 3.41 2.46
N ASP B 97 16.15 3.15 1.98
CA ASP B 97 16.30 2.48 0.65
C ASP B 97 15.94 1.01 0.92
N ARG B 98 15.16 0.43 0.05
CA ARG B 98 14.68 -0.99 0.13
C ARG B 98 13.79 -1.12 1.37
N ASP B 99 12.85 -0.25 1.43
CA ASP B 99 11.89 -0.21 2.55
C ASP B 99 10.76 -1.17 2.12
N ILE B 100 11.00 -2.43 2.34
CA ILE B 100 10.03 -3.51 1.98
C ILE B 100 10.15 -4.66 3.02
N ALA B 101 9.03 -5.29 3.33
CA ALA B 101 9.03 -6.40 4.29
C ALA B 101 7.88 -7.27 3.85
N LEU B 102 8.01 -8.52 4.17
CA LEU B 102 6.99 -9.56 3.83
C LEU B 102 6.57 -10.19 5.14
N MET B 103 5.31 -10.49 5.26
CA MET B 103 4.81 -11.11 6.51
C MET B 103 4.04 -12.35 6.04
N LYS B 104 4.29 -13.44 6.72
CA LYS B 104 3.63 -14.71 6.37
C LYS B 104 2.55 -14.79 7.43
N LEU B 105 1.33 -15.08 7.02
CA LEU B 105 0.24 -15.15 8.03
C LEU B 105 0.25 -16.55 8.61
N LYS B 106 -0.35 -16.63 9.75
CA LYS B 106 -0.43 -17.92 10.45
C LYS B 106 -1.24 -18.88 9.54
N LYS B 107 -2.44 -18.47 9.23
CA LYS B 107 -3.33 -19.32 8.37
C LYS B 107 -3.75 -18.55 7.13
N PRO B 108 -4.05 -19.23 6.05
CA PRO B 108 -4.63 -18.61 4.84
C PRO B 108 -5.93 -17.91 5.16
N VAL B 109 -6.18 -16.85 4.45
CA VAL B 109 -7.43 -16.11 4.70
C VAL B 109 -8.25 -16.57 3.49
N ALA B 110 -9.53 -16.44 3.61
CA ALA B 110 -10.46 -16.84 2.52
C ALA B 110 -10.85 -15.52 1.91
N PHE B 111 -11.00 -15.55 0.63
CA PHE B 111 -11.36 -14.30 -0.06
C PHE B 111 -12.85 -14.13 0.04
N SER B 112 -13.26 -12.93 -0.25
CA SER B 112 -14.68 -12.61 -0.18
C SER B 112 -14.83 -11.42 -1.13
N ASP B 113 -15.95 -10.75 -1.02
CA ASP B 113 -16.17 -9.58 -1.89
C ASP B 113 -15.35 -8.43 -1.32
N TYR B 114 -14.91 -8.58 -0.10
CA TYR B 114 -14.11 -7.53 0.61
C TYR B 114 -12.62 -7.86 0.79
N ILE B 115 -12.29 -9.09 0.59
CA ILE B 115 -10.90 -9.58 0.73
C ILE B 115 -10.43 -10.22 -0.58
N HIS B 116 -9.47 -9.64 -1.25
CA HIS B 116 -8.98 -10.24 -2.53
C HIS B 116 -7.53 -9.74 -2.74
N PRO B 117 -6.60 -10.53 -3.21
CA PRO B 117 -5.20 -10.07 -3.43
C PRO B 117 -4.97 -9.20 -4.65
N VAL B 118 -3.91 -8.45 -4.61
CA VAL B 118 -3.55 -7.56 -5.73
C VAL B 118 -2.42 -8.27 -6.52
N CYS B 119 -2.23 -7.90 -7.74
CA CYS B 119 -1.17 -8.57 -8.51
C CYS B 119 0.12 -7.77 -8.38
N LEU B 120 1.19 -8.47 -8.55
CA LEU B 120 2.52 -7.84 -8.46
C LEU B 120 2.97 -7.81 -9.92
N PRO B 121 3.65 -6.76 -10.32
CA PRO B 121 3.89 -6.51 -11.74
C PRO B 121 5.02 -7.37 -12.30
N ASP B 122 4.98 -7.55 -13.58
CA ASP B 122 6.02 -8.35 -14.26
C ASP B 122 6.76 -7.24 -15.02
N ARG B 123 7.96 -7.55 -15.44
CA ARG B 123 8.80 -6.58 -16.20
C ARG B 123 8.05 -5.73 -17.21
N GLU B 124 7.26 -6.37 -18.00
CA GLU B 124 6.48 -5.62 -19.04
C GLU B 124 5.41 -4.73 -18.49
N THR B 125 4.84 -5.08 -17.36
CA THR B 125 3.78 -4.17 -16.84
C THR B 125 4.52 -3.00 -16.19
N ALA B 126 5.61 -3.29 -15.51
CA ALA B 126 6.38 -2.19 -14.85
C ALA B 126 6.76 -1.17 -15.94
N ALA B 127 7.37 -1.73 -16.94
CA ALA B 127 7.82 -0.93 -18.10
C ALA B 127 6.73 -0.08 -18.75
N SER B 128 5.59 -0.67 -18.97
CA SER B 128 4.50 0.11 -19.61
C SER B 128 3.73 1.06 -18.70
N LEU B 129 3.66 0.80 -17.44
CA LEU B 129 2.89 1.73 -16.56
C LEU B 129 3.70 2.68 -15.73
N LEU B 130 4.90 2.36 -15.38
CA LEU B 130 5.65 3.34 -14.55
C LEU B 130 6.28 4.44 -15.41
N GLN B 131 5.41 5.30 -15.86
CA GLN B 131 5.80 6.44 -16.71
C GLN B 131 5.30 7.73 -16.05
N ALA B 132 6.13 8.74 -16.08
CA ALA B 132 5.75 10.03 -15.47
C ALA B 132 4.46 10.51 -16.12
N GLY B 133 3.56 10.98 -15.30
CA GLY B 133 2.26 11.48 -15.83
C GLY B 133 1.11 10.51 -15.56
N TYR B 134 1.42 9.25 -15.55
CA TYR B 134 0.38 8.22 -15.30
C TYR B 134 0.02 8.27 -13.83
N LYS B 135 -1.25 8.07 -13.55
CA LYS B 135 -1.75 8.10 -12.16
C LYS B 135 -1.89 6.72 -11.59
N GLY B 136 -1.67 6.72 -10.31
CA GLY B 136 -1.72 5.53 -9.46
C GLY B 136 -2.69 5.93 -8.36
N ARG B 137 -3.00 4.99 -7.52
CA ARG B 137 -3.93 5.24 -6.41
C ARG B 137 -3.31 4.75 -5.15
N VAL B 138 -3.50 5.52 -4.11
CA VAL B 138 -2.96 5.20 -2.76
C VAL B 138 -4.18 5.15 -1.85
N THR B 139 -4.14 4.29 -0.89
CA THR B 139 -5.27 4.20 0.04
C THR B 139 -4.70 4.04 1.47
N GLY B 140 -5.48 4.43 2.44
CA GLY B 140 -5.00 4.29 3.84
C GLY B 140 -5.94 5.02 4.78
N TRP B 141 -5.72 4.74 6.04
CA TRP B 141 -6.49 5.31 7.20
C TRP B 141 -5.65 6.34 7.97
N GLY B 142 -4.62 6.78 7.31
CA GLY B 142 -3.67 7.78 7.88
C GLY B 142 -4.31 9.14 8.08
N ASN B 143 -3.48 10.00 8.57
CA ASN B 143 -3.92 11.38 8.85
C ASN B 143 -4.42 12.06 7.61
N LEU B 144 -5.30 12.99 7.89
CA LEU B 144 -5.97 13.82 6.85
C LEU B 144 -5.26 15.14 6.58
N LYS B 145 -4.43 15.52 7.50
CA LYS B 145 -3.66 16.78 7.42
C LYS B 145 -2.31 16.47 8.05
N GLU B 146 -1.34 17.25 7.71
CA GLU B 146 0.03 17.05 8.26
C GLU B 146 0.02 17.13 9.78
N THR B 147 -0.74 18.08 10.28
CA THR B 147 -0.91 18.34 11.73
C THR B 147 -2.38 18.83 11.88
N GLY B 155 -7.60 14.86 13.44
CA GLY B 155 -7.70 14.88 11.95
C GLY B 155 -7.36 13.48 11.39
N GLN B 156 -8.15 12.50 11.75
CA GLN B 156 -7.95 11.09 11.29
C GLN B 156 -9.35 10.72 10.71
N PRO B 157 -9.45 9.80 9.78
CA PRO B 157 -10.73 9.58 9.05
C PRO B 157 -11.57 8.45 9.66
N SER B 158 -12.81 8.36 9.31
CA SER B 158 -13.65 7.26 9.89
C SER B 158 -13.64 6.03 8.97
N VAL B 159 -13.46 6.32 7.71
CA VAL B 159 -13.41 5.30 6.63
C VAL B 159 -12.09 5.36 5.85
N LEU B 160 -11.88 4.35 5.04
CA LEU B 160 -10.63 4.26 4.21
C LEU B 160 -10.72 5.41 3.20
N GLN B 161 -9.60 6.04 2.97
CA GLN B 161 -9.52 7.21 2.01
C GLN B 161 -8.72 6.78 0.76
N VAL B 162 -8.99 7.44 -0.34
CA VAL B 162 -8.32 7.13 -1.62
C VAL B 162 -7.91 8.47 -2.27
N VAL B 163 -6.83 8.48 -3.00
CA VAL B 163 -6.35 9.70 -3.72
C VAL B 163 -5.63 9.10 -4.98
N ASN B 164 -5.77 9.72 -6.11
CA ASN B 164 -5.12 9.21 -7.38
C ASN B 164 -4.03 10.23 -7.62
N LEU B 165 -2.80 9.81 -7.73
CA LEU B 165 -1.65 10.76 -7.95
C LEU B 165 -0.81 10.39 -9.14
N PRO B 166 -0.29 11.35 -9.88
CA PRO B 166 0.66 11.07 -11.00
C PRO B 166 2.09 10.76 -10.59
N ILE B 167 2.74 9.98 -11.42
CA ILE B 167 4.15 9.63 -11.12
C ILE B 167 4.92 10.85 -11.61
N VAL B 168 6.02 11.15 -10.95
CA VAL B 168 6.86 12.33 -11.31
C VAL B 168 8.22 11.89 -11.88
N GLU B 169 8.71 12.72 -12.77
CA GLU B 169 10.00 12.44 -13.43
C GLU B 169 11.04 12.38 -12.31
N ARG B 170 11.96 11.50 -12.40
CA ARG B 170 12.98 11.40 -11.33
C ARG B 170 13.81 12.68 -11.07
N PRO B 171 14.27 13.42 -12.07
CA PRO B 171 14.95 14.74 -11.84
C PRO B 171 14.20 15.63 -10.85
N VAL B 172 12.94 15.74 -11.11
CA VAL B 172 12.04 16.56 -10.27
C VAL B 172 12.04 16.04 -8.80
N CYS B 173 11.98 14.73 -8.66
CA CYS B 173 11.96 14.14 -7.31
C CYS B 173 13.27 14.42 -6.60
N LYS B 174 14.34 14.18 -7.26
CA LYS B 174 15.69 14.43 -6.66
C LYS B 174 15.87 15.90 -6.30
N ASP B 175 15.38 16.77 -7.14
CA ASP B 175 15.55 18.22 -6.82
C ASP B 175 14.57 18.80 -5.85
N SER B 176 13.77 17.95 -5.27
CA SER B 176 12.76 18.43 -4.27
C SER B 176 13.27 18.07 -2.85
N THR B 177 14.34 17.32 -2.75
CA THR B 177 14.82 16.95 -1.42
C THR B 177 16.35 16.91 -1.40
N ARG B 178 16.86 16.86 -0.20
CA ARG B 178 18.33 16.80 0.06
C ARG B 178 18.65 15.33 0.32
N ILE B 179 17.63 14.50 0.42
CA ILE B 179 17.88 13.04 0.68
C ILE B 179 18.32 12.40 -0.63
N ARG B 180 19.12 11.39 -0.51
CA ARG B 180 19.63 10.67 -1.71
C ARG B 180 18.57 9.65 -2.21
N ILE B 181 18.16 9.82 -3.45
CA ILE B 181 17.15 8.93 -4.08
C ILE B 181 17.95 7.79 -4.79
N THR B 182 17.47 6.57 -4.67
CA THR B 182 18.12 5.40 -5.29
C THR B 182 17.16 4.91 -6.39
N ASP B 183 17.55 3.89 -7.10
CA ASP B 183 16.65 3.40 -8.16
C ASP B 183 15.57 2.55 -7.54
N ASN B 184 15.58 2.37 -6.25
CA ASN B 184 14.52 1.51 -5.61
C ASN B 184 13.37 2.34 -5.06
N MET B 185 13.19 3.54 -5.53
CA MET B 185 12.10 4.42 -5.05
C MET B 185 11.61 5.22 -6.25
N PHE B 186 10.44 5.78 -6.14
CA PHE B 186 9.88 6.63 -7.22
C PHE B 186 9.07 7.63 -6.39
N CYS B 187 8.70 8.75 -6.94
CA CYS B 187 7.92 9.73 -6.15
C CYS B 187 6.68 9.98 -6.96
N ALA B 188 5.69 10.52 -6.31
CA ALA B 188 4.44 10.80 -7.04
C ALA B 188 3.77 11.97 -6.35
N GLY B 189 2.93 12.64 -7.07
CA GLY B 189 2.21 13.79 -6.52
C GLY B 189 2.11 14.85 -7.57
N TYR B 190 1.30 15.83 -7.29
CA TYR B 190 1.12 16.94 -8.26
C TYR B 190 2.22 17.97 -7.99
N LYS B 191 2.40 18.82 -8.94
CA LYS B 191 3.41 19.88 -8.86
C LYS B 191 2.62 21.05 -8.27
N PRO B 192 3.28 21.98 -7.61
CA PRO B 192 2.62 23.25 -7.14
C PRO B 192 1.74 23.91 -8.25
N ASP B 193 2.22 23.71 -9.45
CA ASP B 193 1.60 24.24 -10.70
C ASP B 193 0.58 23.29 -11.32
N GLU B 194 -0.19 22.59 -10.52
CA GLU B 194 -1.19 21.66 -11.13
C GLU B 194 -2.57 21.84 -10.53
N GLY B 195 -2.69 22.80 -9.66
CA GLY B 195 -3.99 23.09 -8.98
C GLY B 195 -4.75 21.87 -8.46
N LYS B 196 -4.01 20.83 -8.19
CA LYS B 196 -4.58 19.55 -7.69
C LYS B 196 -3.63 19.24 -6.55
N ARG B 197 -4.17 18.62 -5.55
CA ARG B 197 -3.38 18.26 -4.34
C ARG B 197 -3.55 16.78 -4.03
N GLY B 198 -2.96 16.43 -2.95
CA GLY B 198 -3.03 15.04 -2.48
C GLY B 198 -1.70 14.44 -2.13
N ASP B 199 -1.74 13.56 -1.18
CA ASP B 199 -0.51 12.87 -0.74
C ASP B 199 -0.92 11.87 0.35
N ALA B 200 0.00 11.04 0.70
CA ALA B 200 -0.28 10.04 1.75
C ALA B 200 0.22 10.86 2.96
N CYS B 201 0.08 10.33 4.12
CA CYS B 201 0.54 11.07 5.32
C CYS B 201 0.78 9.99 6.37
N GLU B 202 1.18 10.43 7.51
CA GLU B 202 1.48 9.52 8.64
C GLU B 202 0.35 8.52 8.85
N GLY B 203 0.68 7.27 9.03
CA GLY B 203 -0.36 6.23 9.24
C GLY B 203 -0.63 5.49 7.96
N ASP B 204 -0.17 6.06 6.87
CA ASP B 204 -0.39 5.40 5.55
C ASP B 204 0.81 4.58 5.12
N SER B 205 1.97 4.80 5.69
CA SER B 205 3.18 3.99 5.28
C SER B 205 2.82 2.50 5.16
N GLY B 206 3.49 1.80 4.27
CA GLY B 206 3.20 0.35 4.14
C GLY B 206 2.07 0.02 3.19
N GLY B 207 1.21 0.97 2.94
CA GLY B 207 0.08 0.66 2.01
C GLY B 207 0.49 0.69 0.52
N PRO B 208 -0.43 0.28 -0.30
CA PRO B 208 -0.20 0.16 -1.76
C PRO B 208 -0.47 1.39 -2.63
N PHE B 209 0.33 1.41 -3.68
CA PHE B 209 0.29 2.47 -4.74
C PHE B 209 -0.07 1.47 -5.88
N VAL B 210 -1.25 1.57 -6.42
CA VAL B 210 -1.64 0.61 -7.51
C VAL B 210 -2.03 1.28 -8.79
N MET B 211 -1.94 0.51 -9.84
CA MET B 211 -2.31 1.01 -11.19
C MET B 211 -3.19 -0.05 -11.81
N LYS B 212 -4.05 0.36 -12.69
CA LYS B 212 -4.95 -0.61 -13.36
C LYS B 212 -4.46 -0.78 -14.78
N SER B 213 -4.12 -1.99 -15.11
CA SER B 213 -3.60 -2.30 -16.48
C SER B 213 -4.75 -2.17 -17.48
N PRO B 214 -4.57 -1.34 -18.49
CA PRO B 214 -5.56 -1.23 -19.60
C PRO B 214 -5.46 -2.39 -20.60
N PHE B 215 -4.56 -3.29 -20.35
CA PHE B 215 -4.37 -4.47 -21.26
C PHE B 215 -5.20 -5.60 -20.74
N ASN B 216 -5.08 -5.87 -19.47
CA ASN B 216 -5.88 -7.01 -18.91
C ASN B 216 -6.77 -6.64 -17.75
N ASN B 217 -7.08 -5.37 -17.60
CA ASN B 217 -7.95 -4.82 -16.51
C ASN B 217 -7.67 -5.23 -15.09
N ARG B 218 -6.48 -5.64 -14.82
CA ARG B 218 -6.13 -6.06 -13.46
C ARG B 218 -5.41 -4.92 -12.78
N TRP B 219 -5.47 -4.97 -11.47
CA TRP B 219 -4.83 -3.94 -10.62
C TRP B 219 -3.48 -4.52 -10.18
N TYR B 220 -2.45 -3.72 -10.32
CA TYR B 220 -1.08 -4.14 -9.94
C TYR B 220 -0.58 -3.18 -8.91
N GLN B 221 0.19 -3.70 -8.01
CA GLN B 221 0.75 -2.87 -6.95
C GLN B 221 2.17 -2.50 -7.44
N MET B 222 2.35 -1.25 -7.79
CA MET B 222 3.67 -0.76 -8.29
C MET B 222 4.56 -0.24 -7.18
N GLY B 223 3.94 0.35 -6.18
CA GLY B 223 4.73 0.90 -5.05
C GLY B 223 4.12 0.62 -3.70
N ILE B 224 4.89 0.93 -2.70
CA ILE B 224 4.55 0.78 -1.24
C ILE B 224 4.76 2.22 -0.69
N VAL B 225 3.87 2.74 0.09
CA VAL B 225 4.04 4.12 0.65
C VAL B 225 5.29 4.03 1.55
N SER B 226 6.27 4.83 1.24
CA SER B 226 7.53 4.82 2.03
C SER B 226 7.78 6.06 2.86
N TRP B 227 7.97 7.20 2.25
CA TRP B 227 8.21 8.42 3.07
C TRP B 227 7.80 9.67 2.34
N GLY B 228 7.98 10.76 3.01
CA GLY B 228 7.65 12.10 2.45
C GLY B 228 8.11 13.03 3.55
N GLU B 229 8.22 14.28 3.21
CA GLU B 229 8.66 15.35 4.18
C GLU B 229 7.36 16.14 4.38
N GLY B 230 6.71 15.83 5.45
CA GLY B 230 5.44 16.54 5.76
C GLY B 230 4.39 15.89 4.89
N CYS B 231 3.21 16.44 4.86
CA CYS B 231 2.14 15.85 4.02
C CYS B 231 1.57 16.97 3.17
N ASP B 232 1.39 16.63 1.93
CA ASP B 232 0.85 17.55 0.91
C ASP B 232 1.52 18.95 0.92
N ARG B 233 2.80 18.99 1.17
CA ARG B 233 3.48 20.31 1.19
C ARG B 233 3.75 20.68 -0.28
N ASP B 234 3.64 21.92 -0.67
CA ASP B 234 3.91 22.24 -2.12
C ASP B 234 5.40 22.13 -2.40
N GLY B 235 5.77 21.55 -3.51
CA GLY B 235 7.21 21.44 -3.82
C GLY B 235 7.74 20.12 -3.37
N LYS B 236 6.98 19.42 -2.58
CA LYS B 236 7.41 18.09 -2.09
C LYS B 236 6.53 16.98 -2.72
N TYR B 237 7.01 15.77 -2.63
CA TYR B 237 6.31 14.57 -3.20
C TYR B 237 6.47 13.41 -2.21
N GLY B 238 5.69 12.39 -2.42
CA GLY B 238 5.78 11.21 -1.52
C GLY B 238 6.66 10.26 -2.30
N PHE B 239 7.38 9.45 -1.58
CA PHE B 239 8.28 8.48 -2.20
C PHE B 239 7.71 7.14 -1.84
N TYR B 240 7.87 6.26 -2.79
CA TYR B 240 7.37 4.86 -2.67
C TYR B 240 8.47 3.88 -3.03
N THR B 241 8.41 2.71 -2.44
CA THR B 241 9.42 1.69 -2.76
C THR B 241 8.99 1.15 -4.16
N HIS B 242 9.98 0.91 -4.98
CA HIS B 242 9.78 0.40 -6.38
C HIS B 242 9.62 -1.13 -6.29
N VAL B 243 8.39 -1.61 -6.15
CA VAL B 243 8.12 -3.09 -6.02
C VAL B 243 8.78 -3.99 -7.08
N PHE B 244 8.64 -3.64 -8.33
CA PHE B 244 9.27 -4.48 -9.37
C PHE B 244 10.81 -4.60 -9.17
N ARG B 245 11.54 -3.54 -8.90
CA ARG B 245 13.01 -3.70 -8.70
C ARG B 245 13.39 -4.60 -7.55
N LEU B 246 12.45 -4.88 -6.70
CA LEU B 246 12.76 -5.77 -5.53
C LEU B 246 11.99 -7.10 -5.65
N LYS B 247 11.34 -7.26 -6.75
CA LYS B 247 10.53 -8.47 -7.03
C LYS B 247 11.33 -9.74 -6.89
N LYS B 248 12.56 -9.71 -7.28
CA LYS B 248 13.38 -10.96 -7.17
C LYS B 248 13.55 -11.33 -5.72
N TRP B 249 13.65 -10.33 -4.89
CA TRP B 249 13.80 -10.64 -3.45
C TRP B 249 12.44 -11.20 -3.00
N ILE B 250 11.37 -10.62 -3.47
CA ILE B 250 10.02 -11.13 -3.06
C ILE B 250 9.85 -12.62 -3.45
N GLN B 251 10.03 -12.90 -4.73
CA GLN B 251 9.89 -14.31 -5.24
C GLN B 251 10.73 -15.27 -4.43
N LYS B 252 11.94 -14.86 -4.20
CA LYS B 252 12.87 -15.70 -3.43
C LYS B 252 12.33 -16.04 -2.03
N VAL B 253 11.97 -15.09 -1.22
CA VAL B 253 11.47 -15.53 0.11
C VAL B 253 10.19 -16.29 -0.03
N ILE B 254 9.38 -15.95 -0.97
CA ILE B 254 8.13 -16.73 -1.05
C ILE B 254 8.34 -18.16 -1.55
N ASP B 255 9.24 -18.43 -2.45
CA ASP B 255 9.37 -19.86 -2.88
C ASP B 255 10.43 -20.56 -2.07
N GLN B 256 10.95 -19.88 -1.09
CA GLN B 256 12.01 -20.50 -0.25
C GLN B 256 11.40 -20.73 1.14
N PHE B 257 10.32 -20.03 1.43
CA PHE B 257 9.62 -20.15 2.75
C PHE B 257 8.11 -20.43 2.54
N ASP C 1 -10.35 4.94 21.19
CA ASP C 1 -10.85 5.39 19.84
C ASP C 1 -11.15 4.12 19.04
N PHE C 2 -10.28 3.14 19.10
CA PHE C 2 -10.54 1.89 18.35
C PHE C 2 -11.47 1.11 19.25
N GLU C 3 -12.38 0.44 18.61
CA GLU C 3 -13.38 -0.39 19.31
C GLU C 3 -12.60 -1.67 19.56
N GLU C 4 -13.10 -2.37 20.54
CA GLU C 4 -12.48 -3.66 20.96
C GLU C 4 -12.74 -4.70 19.88
N ILE C 5 -11.80 -5.57 19.74
CA ILE C 5 -11.87 -6.65 18.74
C ILE C 5 -11.89 -7.93 19.61
N PRO C 6 -12.38 -9.04 19.11
CA PRO C 6 -12.54 -10.27 19.93
C PRO C 6 -11.21 -10.78 20.54
N GLU C 7 -11.30 -11.04 21.82
CA GLU C 7 -10.15 -11.56 22.63
C GLU C 7 -9.36 -12.68 21.94
N GLU C 8 -10.02 -13.57 21.24
CA GLU C 8 -9.27 -14.68 20.56
C GLU C 8 -8.16 -14.19 19.62
N TYS C 9 -8.12 -12.92 19.29
CA TYS C 9 -7.05 -12.46 18.37
CB TYS C 9 -7.61 -11.33 17.49
CG TYS C 9 -8.72 -11.93 16.65
CD1 TYS C 9 -8.43 -12.95 15.77
CD2 TYS C 9 -10.02 -11.48 16.79
CE1 TYS C 9 -9.41 -13.52 15.01
CE2 TYS C 9 -11.01 -12.05 16.03
CZ TYS C 9 -10.71 -13.07 15.14
OH TYS C 9 -11.69 -13.68 14.38
S TYS C 9 -12.16 -12.70 12.85
O1 TYS C 9 -11.21 -13.11 11.84
O2 TYS C 9 -13.52 -12.95 12.48
O3 TYS C 9 -12.13 -11.27 13.04
C TYS C 9 -5.82 -11.95 19.14
O TYS C 9 -4.86 -11.53 18.52
H TYS C 9 -8.79 -12.29 19.63
HA TYS C 9 -6.72 -13.28 17.77
HB2 TYS C 9 -6.84 -10.97 16.82
HB3 TYS C 9 -7.98 -10.51 18.09
HD1 TYS C 9 -7.41 -13.30 15.68
HD2 TYS C 9 -10.25 -10.68 17.47
HE1 TYS C 9 -9.17 -14.33 14.33
HE2 TYS C 9 -12.03 -11.69 16.13
N LEU C 10 -5.89 -12.01 20.43
CA LEU C 10 -4.76 -11.54 21.28
C LEU C 10 -4.12 -12.87 21.73
N GLN C 11 -4.84 -13.55 22.60
CA GLN C 11 -4.39 -14.85 23.15
C GLN C 11 -3.13 -14.64 24.00
NA NA D . 3.27 18.21 -2.70
C1 BMZ E . 4.19 10.23 3.82
C2 BMZ E . 3.95 8.88 3.58
C3 BMZ E . 4.10 7.93 4.56
C4 BMZ E . 4.50 8.36 5.78
C5 BMZ E . 4.74 9.67 6.07
C6 BMZ E . 4.60 10.64 5.10
C7 BMZ E . 4.02 11.15 2.81
N1 BMZ E . 3.81 12.40 3.13
N2 BMZ E . 4.06 10.74 1.56
N3 BMZ E . 4.72 7.72 6.87
N4 BMZ E . 5.11 9.86 7.31
C8 BMZ E . 5.08 8.61 7.77
C1' BMZ E . 5.41 8.22 9.08
C2' BMZ E . 5.66 9.20 10.05
C3' BMZ E . 5.99 8.83 11.35
C4' BMZ E . 6.07 7.48 11.69
C5' BMZ E . 5.82 6.50 10.73
C6' BMZ E . 5.49 6.87 9.43
O6' BMZ E . 5.26 5.89 8.49
HC2 BMZ E . 3.64 8.56 2.60
HC3 BMZ E . 3.92 6.88 4.39
HC6 BMZ E . 4.79 11.68 5.33
HH11 BMZ E . 3.79 12.64 4.12
HH12 BMZ E . 3.68 13.14 2.49
HH21 BMZ E . 4.24 9.77 1.38
HH22 BMZ E . 3.93 11.35 0.77
HN3 BMZ E . 4.64 6.76 7.05
HC2' BMZ E . 5.61 10.25 9.80
HC3' BMZ E . 6.18 9.60 12.09
HC4' BMZ E . 6.31 7.20 12.70
HC5' BMZ E . 5.89 5.47 11.00
#